data_5R67
#
_entry.id   5R67
#
_cell.length_a   59.770
_cell.length_b   59.770
_cell.length_c   214.230
_cell.angle_alpha   90.000
_cell.angle_beta   90.000
_cell.angle_gamma   120.000
#
_symmetry.space_group_name_H-M   'P 32 2 1'
#
loop_
_entity.id
_entity.type
_entity.pdbx_description
1 polymer 'Cleavage and polyadenylation specificity factor subunit 5'
2 non-polymer 'ZINC ION'
3 non-polymer 'ACETATE ION'
4 non-polymer 1-[2-(2-oxidanylidenepyrrolidin-1-yl)ethyl]-3-phenyl-urea
5 water water
#
_entity_poly.entity_id   1
_entity_poly.type   'polypeptide(L)'
_entity_poly.pdbx_seq_one_letter_code
;SMLERTINLYPLTNYTFGTKEPLYEKDSSVAARFQRMREEFDKIGMRRTVEGVLIVHEHRLPHVLLLQLGTTFFKLPGGE
LNPGEDEVEGLKRLMTEILGRQDGVLQDWVIDDCIGNWWRPNFEPPQYPYIPAHITKPKEHKKLFLVQLQEKALFAVPKN
YKLVAAPLFELYDNAPGYGPIISSLPQLLSRFNFIYN
;
_entity_poly.pdbx_strand_id   A,B
#
# COMPACT_ATOMS: atom_id res chain seq x y z
N SER A 1 -20.45 -31.47 -30.27
CA SER A 1 -21.48 -30.48 -30.65
C SER A 1 -22.04 -29.76 -29.42
N MET A 2 -21.40 -29.86 -28.25
CA MET A 2 -21.62 -28.89 -27.16
C MET A 2 -20.27 -28.33 -26.79
N LEU A 3 -19.89 -27.21 -27.43
CA LEU A 3 -18.53 -26.60 -27.28
C LEU A 3 -18.51 -25.40 -26.31
N GLU A 4 -19.68 -24.93 -25.85
CA GLU A 4 -19.72 -23.75 -24.93
C GLU A 4 -19.37 -24.16 -23.49
N ARG A 5 -18.60 -23.34 -22.82
CA ARG A 5 -18.38 -23.48 -21.34
C ARG A 5 -19.71 -23.17 -20.60
N THR A 6 -20.11 -23.98 -19.60
CA THR A 6 -21.31 -23.82 -18.78
C THR A 6 -20.95 -23.10 -17.46
N ILE A 7 -21.64 -22.02 -17.15
CA ILE A 7 -21.35 -21.15 -15.96
C ILE A 7 -22.63 -21.00 -15.13
N ASN A 8 -22.52 -21.31 -13.84
CA ASN A 8 -23.70 -21.09 -12.95
C ASN A 8 -23.79 -19.61 -12.54
N LEU A 9 -24.96 -18.95 -12.68
CA LEU A 9 -25.35 -17.64 -12.15
C LEU A 9 -26.41 -17.83 -11.04
N TYR A 10 -26.31 -16.98 -10.04
CA TYR A 10 -27.25 -16.94 -8.89
C TYR A 10 -27.88 -15.56 -8.83
N PRO A 11 -29.09 -15.44 -8.18
CA PRO A 11 -29.71 -14.13 -8.05
C PRO A 11 -28.87 -13.15 -7.18
N LEU A 12 -28.93 -11.90 -7.53
CA LEU A 12 -28.25 -10.77 -6.82
C LEU A 12 -28.68 -10.76 -5.36
N THR A 13 -29.94 -11.10 -5.07
CA THR A 13 -30.47 -11.12 -3.68
C THR A 13 -29.83 -12.27 -2.91
N ASN A 14 -29.08 -13.17 -3.54
CA ASN A 14 -28.31 -14.19 -2.79
C ASN A 14 -27.04 -13.58 -2.15
N TYR A 15 -26.67 -12.35 -2.51
CA TYR A 15 -25.34 -11.80 -2.09
C TYR A 15 -25.64 -10.68 -1.08
N THR A 16 -24.80 -10.57 -0.05
CA THR A 16 -24.87 -9.46 0.95
C THR A 16 -23.66 -8.51 0.74
N PHE A 17 -23.93 -7.22 0.56
CA PHE A 17 -22.90 -6.18 0.34
C PHE A 17 -22.79 -5.33 1.62
N GLY A 18 -21.87 -5.70 2.52
CA GLY A 18 -21.51 -4.91 3.72
C GLY A 18 -20.51 -3.81 3.38
N THR A 19 -19.99 -3.10 4.40
CA THR A 19 -19.06 -1.95 4.25
C THR A 19 -17.76 -2.21 5.02
N LYS A 20 -16.68 -1.58 4.60
CA LYS A 20 -15.43 -1.47 5.37
C LYS A 20 -14.78 -0.12 5.04
N GLU A 21 -13.57 0.11 5.59
CA GLU A 21 -12.88 1.42 5.51
C GLU A 21 -12.55 1.76 4.05
N PRO A 22 -12.35 3.05 3.69
CA PRO A 22 -12.01 3.42 2.33
C PRO A 22 -10.73 2.72 1.85
N LEU A 23 -10.65 2.44 0.54
CA LEU A 23 -9.43 1.97 -0.13
C LEU A 23 -8.99 3.07 -1.12
N TYR A 24 -7.94 3.83 -0.80
CA TYR A 24 -7.57 5.01 -1.63
C TYR A 24 -6.76 4.55 -2.84
N GLU A 25 -6.95 5.26 -3.97
CA GLU A 25 -6.18 5.01 -5.23
C GLU A 25 -4.69 5.27 -4.98
N LYS A 26 -3.86 4.59 -5.74
CA LYS A 26 -2.38 4.65 -5.61
C LYS A 26 -1.91 5.99 -6.18
N ASP A 27 -2.68 6.57 -7.10
CA ASP A 27 -2.31 7.81 -7.81
C ASP A 27 -3.39 8.86 -7.56
N SER A 28 -2.96 10.09 -7.27
CA SER A 28 -3.89 11.21 -6.97
C SER A 28 -4.38 11.94 -8.24
N SER A 29 -3.89 11.61 -9.44
CA SER A 29 -4.31 12.26 -10.73
C SER A 29 -3.84 11.43 -11.93
N VAL A 30 -4.39 11.69 -13.12
CA VAL A 30 -3.96 11.08 -14.40
C VAL A 30 -2.45 11.36 -14.58
N ALA A 31 -2.01 12.60 -14.35
CA ALA A 31 -0.59 12.93 -14.61
C ALA A 31 0.30 12.10 -13.66
N ALA A 32 -0.10 11.96 -12.36
CA ALA A 32 0.63 11.18 -11.34
C ALA A 32 0.61 9.70 -11.79
N ARG A 33 -0.56 9.24 -12.27
CA ARG A 33 -0.67 7.83 -12.76
C ARG A 33 0.34 7.55 -13.86
N PHE A 34 0.42 8.36 -14.92
CA PHE A 34 1.35 8.03 -16.01
C PHE A 34 2.82 8.33 -15.59
N GLN A 35 3.11 9.25 -14.65
CA GLN A 35 4.50 9.43 -14.14
C GLN A 35 4.98 8.15 -13.42
N ARG A 36 4.14 7.58 -12.57
CA ARG A 36 4.51 6.35 -11.82
C ARG A 36 4.64 5.18 -12.81
N MET A 37 3.79 5.10 -13.84
CA MET A 37 3.96 4.00 -14.85
C MET A 37 5.32 4.09 -15.59
N ARG A 38 5.75 5.33 -15.89
N ARG A 38 5.76 5.33 -15.92
CA ARG A 38 7.02 5.66 -16.57
CA ARG A 38 7.06 5.61 -16.57
C ARG A 38 8.21 5.28 -15.66
C ARG A 38 8.20 5.21 -15.63
N GLU A 39 8.13 5.65 -14.38
CA GLU A 39 9.19 5.35 -13.35
C GLU A 39 9.36 3.83 -13.17
N GLU A 40 8.24 3.11 -13.00
CA GLU A 40 8.31 1.65 -12.77
C GLU A 40 8.74 0.91 -14.05
N PHE A 41 8.33 1.36 -15.24
CA PHE A 41 8.77 0.76 -16.52
C PHE A 41 10.30 0.72 -16.57
N ASP A 42 10.93 1.83 -16.21
CA ASP A 42 12.43 1.92 -16.22
C ASP A 42 13.05 0.90 -15.27
N LYS A 43 12.41 0.55 -14.15
CA LYS A 43 12.98 -0.39 -13.13
C LYS A 43 12.57 -1.84 -13.43
N ILE A 44 11.29 -2.16 -13.74
CA ILE A 44 10.85 -3.58 -13.85
C ILE A 44 10.16 -3.89 -15.18
N GLY A 45 10.18 -2.97 -16.15
CA GLY A 45 9.53 -3.19 -17.45
C GLY A 45 8.00 -3.10 -17.34
N MET A 46 7.36 -3.73 -18.30
CA MET A 46 5.91 -3.59 -18.60
C MET A 46 5.08 -3.84 -17.31
N ARG A 47 4.08 -3.03 -17.09
CA ARG A 47 3.08 -3.25 -16.04
C ARG A 47 2.25 -4.49 -16.42
N ARG A 48 2.04 -5.37 -15.43
CA ARG A 48 1.16 -6.56 -15.59
C ARG A 48 -0.07 -6.35 -14.71
N THR A 49 -1.26 -6.15 -15.33
CA THR A 49 -2.54 -5.88 -14.63
C THR A 49 -3.50 -7.06 -14.83
N VAL A 50 -4.18 -7.49 -13.77
CA VAL A 50 -5.24 -8.51 -13.87
C VAL A 50 -6.56 -7.93 -13.37
N GLU A 51 -7.67 -8.32 -14.01
CA GLU A 51 -9.02 -7.89 -13.58
C GLU A 51 -10.03 -9.03 -13.67
N GLY A 52 -11.00 -8.99 -12.76
CA GLY A 52 -12.04 -10.02 -12.61
C GLY A 52 -13.40 -9.53 -13.08
N VAL A 53 -14.09 -10.42 -13.79
CA VAL A 53 -15.51 -10.28 -14.20
C VAL A 53 -16.41 -11.22 -13.41
N LEU A 54 -17.23 -10.61 -12.53
CA LEU A 54 -18.14 -11.31 -11.57
C LEU A 54 -19.61 -11.06 -12.01
N ILE A 55 -20.29 -12.16 -12.29
CA ILE A 55 -21.68 -12.15 -12.85
C ILE A 55 -22.70 -12.72 -11.85
N VAL A 56 -23.89 -12.07 -11.86
CA VAL A 56 -25.09 -12.54 -11.15
C VAL A 56 -26.26 -12.46 -12.18
N HIS A 57 -27.46 -12.84 -11.72
CA HIS A 57 -28.65 -12.55 -12.52
C HIS A 57 -29.73 -11.93 -11.64
N GLU A 58 -30.62 -11.17 -12.27
N GLU A 58 -30.61 -11.13 -12.23
CA GLU A 58 -31.91 -10.73 -11.70
CA GLU A 58 -31.93 -10.91 -11.59
C GLU A 58 -33.02 -11.12 -12.69
C GLU A 58 -33.01 -11.13 -12.65
N HIS A 59 -33.94 -11.99 -12.28
CA HIS A 59 -35.08 -12.45 -13.11
C HIS A 59 -34.54 -13.04 -14.43
N ARG A 60 -33.41 -13.78 -14.36
CA ARG A 60 -32.82 -14.50 -15.51
C ARG A 60 -32.12 -13.55 -16.50
N LEU A 61 -31.74 -12.32 -16.15
CA LEU A 61 -31.01 -11.34 -16.97
C LEU A 61 -29.62 -11.19 -16.36
N PRO A 62 -28.54 -11.60 -17.08
CA PRO A 62 -27.19 -11.47 -16.48
C PRO A 62 -26.89 -9.99 -16.27
N HIS A 63 -26.14 -9.77 -15.14
CA HIS A 63 -25.55 -8.48 -14.73
C HIS A 63 -24.07 -8.63 -14.28
N VAL A 64 -23.23 -7.73 -14.68
CA VAL A 64 -21.78 -7.65 -14.27
C VAL A 64 -21.71 -6.73 -13.03
N LEU A 65 -20.97 -7.19 -12.04
CA LEU A 65 -20.65 -6.32 -10.84
C LEU A 65 -19.55 -5.32 -11.15
N LEU A 66 -19.83 -4.04 -11.00
CA LEU A 66 -18.87 -2.93 -11.25
C LEU A 66 -18.62 -2.16 -9.92
N LEU A 67 -17.40 -1.65 -9.76
CA LEU A 67 -17.10 -0.80 -8.55
C LEU A 67 -17.06 0.63 -9.00
N GLN A 68 -17.98 1.42 -8.46
CA GLN A 68 -17.97 2.84 -8.86
C GLN A 68 -17.28 3.64 -7.75
N LEU A 69 -16.28 4.39 -8.11
CA LEU A 69 -15.51 5.22 -7.16
C LEU A 69 -16.32 6.52 -6.99
N GLY A 70 -16.97 6.74 -5.83
CA GLY A 70 -17.88 7.90 -5.66
C GLY A 70 -18.92 7.95 -6.77
N THR A 71 -18.93 8.99 -7.60
CA THR A 71 -19.87 9.08 -8.74
C THR A 71 -19.06 9.31 -10.02
N THR A 72 -17.77 8.93 -10.04
CA THR A 72 -16.89 9.04 -11.26
C THR A 72 -16.85 7.67 -11.99
N PHE A 73 -15.66 7.13 -12.19
CA PHE A 73 -15.32 5.97 -13.06
C PHE A 73 -15.94 4.68 -12.52
N PHE A 74 -16.35 3.82 -13.44
CA PHE A 74 -16.65 2.41 -13.13
C PHE A 74 -15.42 1.58 -13.38
N LYS A 75 -15.17 0.64 -12.46
CA LYS A 75 -13.94 -0.20 -12.45
C LYS A 75 -14.33 -1.68 -12.33
N LEU A 76 -13.54 -2.56 -12.94
CA LEU A 76 -13.54 -3.95 -12.55
C LEU A 76 -12.60 -4.14 -11.34
N PRO A 77 -12.90 -5.06 -10.40
CA PRO A 77 -11.98 -5.38 -9.30
C PRO A 77 -10.68 -5.95 -9.91
N GLY A 78 -9.51 -5.52 -9.44
CA GLY A 78 -8.23 -5.96 -10.00
C GLY A 78 -7.10 -5.07 -9.58
N GLY A 79 -6.03 -5.10 -10.32
CA GLY A 79 -4.86 -4.29 -10.01
C GLY A 79 -3.58 -4.87 -10.52
N GLU A 80 -2.46 -4.41 -9.96
CA GLU A 80 -1.10 -4.69 -10.51
C GLU A 80 -0.47 -5.92 -9.84
N LEU A 81 0.08 -6.83 -10.64
CA LEU A 81 0.90 -7.99 -10.14
C LEU A 81 2.23 -7.41 -9.64
N ASN A 82 2.82 -8.10 -8.65
CA ASN A 82 4.22 -7.83 -8.25
C ASN A 82 5.13 -8.61 -9.15
N PRO A 83 6.43 -8.23 -9.26
CA PRO A 83 7.35 -9.05 -10.03
C PRO A 83 7.45 -10.51 -9.54
N GLY A 84 7.34 -11.39 -10.52
CA GLY A 84 7.33 -12.87 -10.45
C GLY A 84 6.07 -13.48 -9.83
N GLU A 85 5.03 -12.67 -9.62
CA GLU A 85 3.73 -13.12 -9.10
C GLU A 85 2.88 -13.83 -10.18
N ASP A 86 2.39 -15.03 -9.89
CA ASP A 86 1.42 -15.81 -10.73
C ASP A 86 0.18 -14.95 -10.99
N GLU A 87 -0.36 -15.00 -12.24
CA GLU A 87 -1.57 -14.16 -12.57
C GLU A 87 -2.84 -14.53 -11.77
N VAL A 88 -3.13 -15.83 -11.62
CA VAL A 88 -4.35 -16.29 -10.96
C VAL A 88 -4.24 -16.09 -9.44
N GLU A 89 -3.10 -16.48 -8.81
CA GLU A 89 -2.90 -16.12 -7.37
C GLU A 89 -2.99 -14.61 -7.14
N GLY A 90 -2.38 -13.81 -8.04
CA GLY A 90 -2.42 -12.37 -7.92
C GLY A 90 -3.82 -11.78 -7.96
N LEU A 91 -4.67 -12.23 -8.94
CA LEU A 91 -6.05 -11.72 -9.02
C LEU A 91 -6.84 -12.11 -7.71
N LYS A 92 -6.61 -13.34 -7.22
CA LYS A 92 -7.29 -13.78 -5.98
C LYS A 92 -6.84 -12.89 -4.82
N ARG A 93 -5.54 -12.61 -4.73
CA ARG A 93 -5.02 -11.63 -3.71
C ARG A 93 -5.66 -10.25 -3.80
N LEU A 94 -5.77 -9.69 -5.02
CA LEU A 94 -6.34 -8.35 -5.21
C LEU A 94 -7.87 -8.32 -4.94
N MET A 95 -8.60 -9.32 -5.40
CA MET A 95 -10.05 -9.39 -5.10
C MET A 95 -10.25 -9.51 -3.57
N THR A 96 -9.41 -10.24 -2.86
CA THR A 96 -9.56 -10.34 -1.35
C THR A 96 -9.23 -8.98 -0.71
N GLU A 97 -8.22 -8.28 -1.21
CA GLU A 97 -7.93 -6.91 -0.70
C GLU A 97 -9.08 -5.94 -0.95
N ILE A 98 -9.78 -6.03 -2.09
CA ILE A 98 -10.91 -5.12 -2.37
C ILE A 98 -12.22 -5.54 -1.68
N LEU A 99 -12.65 -6.78 -1.83
CA LEU A 99 -14.02 -7.22 -1.39
C LEU A 99 -13.98 -8.23 -0.23
N GLY A 100 -12.80 -8.56 0.32
CA GLY A 100 -12.64 -9.52 1.45
C GLY A 100 -13.27 -9.01 2.75
N ARG A 101 -13.68 -9.92 3.63
CA ARG A 101 -14.53 -9.53 4.79
C ARG A 101 -13.74 -8.98 5.99
N GLN A 102 -14.37 -8.03 6.70
CA GLN A 102 -13.92 -7.40 7.98
C GLN A 102 -13.63 -8.46 9.05
N ASP A 103 -14.39 -9.57 9.05
CA ASP A 103 -14.30 -10.68 10.04
C ASP A 103 -13.25 -11.71 9.63
N GLY A 104 -12.57 -11.52 8.50
CA GLY A 104 -11.50 -12.43 8.02
C GLY A 104 -11.95 -13.88 7.89
N VAL A 105 -12.96 -14.06 7.05
CA VAL A 105 -13.47 -15.35 6.52
C VAL A 105 -13.12 -15.25 5.03
N LEU A 106 -12.55 -16.30 4.45
CA LEU A 106 -12.08 -16.20 3.05
C LEU A 106 -13.16 -16.50 2.02
N GLN A 107 -13.11 -15.77 0.91
CA GLN A 107 -14.04 -16.08 -0.20
C GLN A 107 -13.47 -17.29 -0.90
N ASP A 108 -14.33 -18.04 -1.55
CA ASP A 108 -13.77 -19.20 -2.28
C ASP A 108 -13.75 -18.71 -3.73
N TRP A 109 -12.66 -18.08 -4.19
CA TRP A 109 -12.62 -17.58 -5.60
C TRP A 109 -12.36 -18.74 -6.56
N VAL A 110 -13.16 -18.85 -7.60
CA VAL A 110 -12.93 -19.92 -8.62
C VAL A 110 -12.63 -19.16 -9.92
N ILE A 111 -11.45 -19.40 -10.50
CA ILE A 111 -10.99 -18.75 -11.80
C ILE A 111 -10.49 -19.80 -12.78
N ASP A 112 -11.23 -20.03 -13.86
CA ASP A 112 -10.92 -21.16 -14.78
C ASP A 112 -10.88 -20.64 -16.22
N ASP A 113 -11.22 -19.36 -16.50
CA ASP A 113 -11.44 -18.91 -17.90
C ASP A 113 -10.78 -17.55 -18.13
N CYS A 114 -10.00 -17.41 -19.20
CA CYS A 114 -9.50 -16.10 -19.72
C CYS A 114 -10.57 -15.55 -20.64
N ILE A 115 -10.91 -14.29 -20.52
N ILE A 115 -10.96 -14.30 -20.39
CA ILE A 115 -11.89 -13.79 -21.51
CA ILE A 115 -11.96 -13.62 -21.23
C ILE A 115 -11.30 -12.67 -22.37
C ILE A 115 -11.29 -12.78 -22.32
N GLY A 116 -10.11 -12.17 -22.07
CA GLY A 116 -9.41 -11.28 -23.03
C GLY A 116 -8.08 -10.71 -22.59
N ASN A 117 -7.35 -10.09 -23.52
CA ASN A 117 -6.03 -9.48 -23.36
C ASN A 117 -6.08 -8.06 -23.98
N TRP A 118 -5.61 -7.01 -23.24
CA TRP A 118 -5.48 -5.63 -23.80
C TRP A 118 -4.06 -5.12 -23.60
N TRP A 119 -3.54 -4.31 -24.54
CA TRP A 119 -2.17 -3.79 -24.47
C TRP A 119 -2.15 -2.26 -24.64
N ARG A 120 -1.32 -1.59 -23.86
CA ARG A 120 -1.16 -0.11 -23.87
C ARG A 120 0.19 0.20 -24.54
N PRO A 121 0.22 0.76 -25.78
CA PRO A 121 1.54 0.95 -26.42
C PRO A 121 2.41 2.07 -25.79
N ASN A 122 1.76 3.13 -25.28
CA ASN A 122 2.46 4.35 -24.79
C ASN A 122 2.03 4.72 -23.37
N PHE A 123 2.64 5.72 -22.76
CA PHE A 123 2.23 6.21 -21.40
C PHE A 123 1.08 7.18 -21.58
N GLU A 124 -0.06 6.71 -22.13
CA GLU A 124 -1.24 7.49 -22.61
C GLU A 124 -2.46 6.58 -22.50
N PRO A 125 -3.67 7.15 -22.47
CA PRO A 125 -4.91 6.35 -22.34
C PRO A 125 -5.18 5.23 -23.38
N PRO A 126 -4.84 5.33 -24.68
CA PRO A 126 -5.25 4.30 -25.64
C PRO A 126 -4.75 2.89 -25.30
N GLN A 127 -5.73 1.94 -25.38
CA GLN A 127 -5.48 0.49 -25.21
C GLN A 127 -6.14 -0.28 -26.38
N TYR A 128 -5.57 -1.42 -26.74
CA TYR A 128 -6.05 -2.24 -27.89
C TYR A 128 -6.09 -3.72 -27.52
N PRO A 129 -6.99 -4.51 -28.18
CA PRO A 129 -7.07 -5.97 -27.93
C PRO A 129 -6.03 -6.76 -28.76
N TYR A 130 -4.89 -6.17 -29.08
CA TYR A 130 -3.72 -6.75 -29.80
C TYR A 130 -2.49 -5.88 -29.54
N ILE A 131 -1.27 -6.33 -29.83
CA ILE A 131 -0.06 -5.43 -29.81
C ILE A 131 -0.04 -4.66 -31.12
N PRO A 132 -0.12 -3.31 -31.16
CA PRO A 132 -0.19 -2.59 -32.43
C PRO A 132 1.13 -2.67 -33.21
N ALA A 133 1.01 -2.45 -34.53
CA ALA A 133 2.09 -2.46 -35.52
C ALA A 133 3.21 -1.56 -35.02
N HIS A 134 4.44 -2.09 -35.10
CA HIS A 134 5.71 -1.37 -34.84
C HIS A 134 5.95 -1.26 -33.32
N ILE A 135 5.10 -1.86 -32.47
CA ILE A 135 5.28 -1.68 -31.00
C ILE A 135 5.94 -2.94 -30.44
N THR A 136 7.20 -2.80 -30.01
CA THR A 136 8.06 -3.88 -29.48
C THR A 136 8.08 -3.80 -27.93
N LYS A 137 7.85 -2.63 -27.33
CA LYS A 137 7.89 -2.48 -25.85
C LYS A 137 6.53 -1.91 -25.37
N PRO A 138 5.45 -2.70 -25.29
CA PRO A 138 4.21 -2.18 -24.70
C PRO A 138 4.52 -1.80 -23.26
N LYS A 139 3.80 -0.82 -22.78
CA LYS A 139 3.99 -0.20 -21.41
C LYS A 139 3.12 -0.92 -20.38
N GLU A 140 1.98 -1.52 -20.79
CA GLU A 140 1.06 -2.26 -19.90
C GLU A 140 0.43 -3.41 -20.67
N HIS A 141 0.27 -4.53 -20.01
CA HIS A 141 -0.54 -5.68 -20.50
C HIS A 141 -1.61 -6.04 -19.47
N LYS A 142 -2.89 -5.95 -19.83
CA LYS A 142 -4.05 -6.34 -18.97
C LYS A 142 -4.52 -7.74 -19.39
N LYS A 143 -4.84 -8.59 -18.38
N LYS A 143 -4.87 -8.54 -18.37
CA LYS A 143 -5.51 -9.91 -18.60
CA LYS A 143 -5.52 -9.86 -18.53
C LYS A 143 -6.82 -9.93 -17.81
C LYS A 143 -6.87 -9.81 -17.81
N LEU A 144 -7.94 -10.25 -18.47
CA LEU A 144 -9.27 -10.35 -17.87
C LEU A 144 -9.64 -11.82 -17.69
N PHE A 145 -10.23 -12.15 -16.55
CA PHE A 145 -10.70 -13.51 -16.21
C PHE A 145 -12.15 -13.49 -15.74
N LEU A 146 -12.89 -14.54 -16.04
CA LEU A 146 -14.25 -14.78 -15.51
C LEU A 146 -14.08 -15.40 -14.10
N VAL A 147 -14.71 -14.82 -13.07
CA VAL A 147 -14.66 -15.27 -11.63
C VAL A 147 -15.99 -15.95 -11.34
N GLN A 148 -16.03 -17.28 -11.28
CA GLN A 148 -17.32 -18.03 -10.93
C GLN A 148 -17.64 -17.78 -9.45
N LEU A 149 -18.79 -17.19 -9.14
CA LEU A 149 -19.23 -16.98 -7.73
C LEU A 149 -19.88 -18.26 -7.16
N GLN A 150 -19.73 -18.40 -5.85
CA GLN A 150 -20.51 -19.40 -5.08
C GLN A 150 -21.98 -18.99 -5.01
N GLU A 151 -22.85 -19.91 -4.56
CA GLU A 151 -24.32 -19.73 -4.50
C GLU A 151 -24.68 -18.50 -3.67
N LYS A 152 -24.02 -18.29 -2.50
CA LYS A 152 -24.14 -17.09 -1.64
C LYS A 152 -22.76 -16.56 -1.18
N ALA A 153 -22.68 -15.28 -0.88
CA ALA A 153 -21.47 -14.66 -0.26
C ALA A 153 -21.79 -13.28 0.30
N LEU A 154 -20.96 -12.81 1.28
CA LEU A 154 -20.99 -11.46 1.87
C LEU A 154 -19.71 -10.76 1.39
N PHE A 155 -19.88 -9.70 0.66
CA PHE A 155 -18.70 -8.92 0.23
C PHE A 155 -18.62 -7.65 1.08
N ALA A 156 -17.43 -7.21 1.45
CA ALA A 156 -17.26 -5.94 2.16
C ALA A 156 -16.79 -4.90 1.16
N VAL A 157 -17.60 -3.90 0.91
CA VAL A 157 -17.32 -2.85 -0.12
C VAL A 157 -16.60 -1.70 0.56
N PRO A 158 -15.40 -1.29 0.12
CA PRO A 158 -14.84 -0.07 0.73
C PRO A 158 -15.77 1.15 0.66
N LYS A 159 -15.84 1.92 1.79
CA LYS A 159 -16.84 2.99 1.97
C LYS A 159 -16.80 4.03 0.87
N ASN A 160 -15.65 4.25 0.20
CA ASN A 160 -15.52 5.25 -0.89
C ASN A 160 -16.06 4.72 -2.26
N TYR A 161 -16.43 3.46 -2.35
CA TYR A 161 -16.97 2.77 -3.56
C TYR A 161 -18.43 2.33 -3.32
N LYS A 162 -19.22 2.25 -4.41
CA LYS A 162 -20.52 1.52 -4.52
C LYS A 162 -20.36 0.27 -5.44
N LEU A 163 -20.79 -0.90 -5.04
CA LEU A 163 -20.93 -2.11 -5.92
C LEU A 163 -22.25 -1.94 -6.69
N VAL A 164 -22.20 -1.96 -8.03
CA VAL A 164 -23.42 -1.77 -8.87
C VAL A 164 -23.51 -2.96 -9.84
N ALA A 165 -24.72 -3.45 -10.06
CA ALA A 165 -25.01 -4.58 -11.00
C ALA A 165 -25.53 -3.98 -12.31
N ALA A 166 -24.79 -4.12 -13.42
CA ALA A 166 -25.14 -3.51 -14.70
C ALA A 166 -25.57 -4.59 -15.68
N PRO A 167 -26.71 -4.42 -16.37
CA PRO A 167 -27.12 -5.42 -17.34
C PRO A 167 -26.26 -5.22 -18.59
N LEU A 168 -26.23 -6.27 -19.41
CA LEU A 168 -25.41 -6.24 -20.62
C LEU A 168 -25.89 -5.15 -21.56
N PHE A 169 -27.22 -4.97 -21.74
CA PHE A 169 -27.64 -3.95 -22.75
C PHE A 169 -27.12 -2.55 -22.43
N GLU A 170 -26.93 -2.23 -21.15
CA GLU A 170 -26.46 -0.89 -20.77
C GLU A 170 -24.98 -0.70 -21.09
N LEU A 171 -24.17 -1.79 -21.01
CA LEU A 171 -22.76 -1.74 -21.40
C LEU A 171 -22.56 -1.62 -22.92
N TYR A 172 -23.40 -2.34 -23.68
CA TYR A 172 -23.24 -2.54 -25.13
C TYR A 172 -23.24 -1.21 -25.90
N ASP A 173 -22.21 -1.05 -26.72
CA ASP A 173 -21.91 0.12 -27.57
C ASP A 173 -21.90 1.38 -26.70
N ASN A 174 -21.39 1.33 -25.45
CA ASN A 174 -21.36 2.49 -24.51
C ASN A 174 -19.95 2.77 -24.01
N ALA A 175 -19.00 2.92 -24.93
CA ALA A 175 -17.60 3.28 -24.62
C ALA A 175 -17.56 4.63 -23.93
N PRO A 176 -18.36 5.65 -24.36
CA PRO A 176 -18.33 6.93 -23.65
C PRO A 176 -18.59 6.73 -22.14
N GLY A 177 -19.60 5.97 -21.77
CA GLY A 177 -19.96 5.68 -20.36
C GLY A 177 -18.92 4.86 -19.62
N TYR A 178 -18.30 3.84 -20.26
CA TYR A 178 -17.62 2.72 -19.53
C TYR A 178 -16.22 2.49 -20.04
N GLY A 179 -15.89 3.05 -21.20
CA GLY A 179 -14.60 2.84 -21.90
C GLY A 179 -14.61 1.51 -22.71
N PRO A 180 -13.51 1.20 -23.40
CA PRO A 180 -13.54 0.20 -24.48
C PRO A 180 -13.45 -1.24 -24.00
N ILE A 181 -12.98 -1.44 -22.77
CA ILE A 181 -12.85 -2.81 -22.20
C ILE A 181 -14.19 -3.23 -21.60
N ILE A 182 -14.78 -2.44 -20.69
CA ILE A 182 -16.08 -2.76 -20.05
C ILE A 182 -17.22 -2.81 -21.13
N SER A 183 -17.22 -1.87 -22.08
CA SER A 183 -18.29 -1.79 -23.11
C SER A 183 -18.20 -2.99 -24.06
N SER A 184 -17.07 -3.71 -24.13
CA SER A 184 -17.00 -4.92 -25.01
C SER A 184 -17.27 -6.22 -24.19
N LEU A 185 -17.62 -6.16 -22.90
CA LEU A 185 -17.98 -7.37 -22.13
C LEU A 185 -19.18 -8.10 -22.72
N PRO A 186 -20.25 -7.48 -23.23
CA PRO A 186 -21.35 -8.25 -23.83
C PRO A 186 -20.83 -9.26 -24.90
N GLN A 187 -20.08 -8.75 -25.81
CA GLN A 187 -19.52 -9.59 -26.91
C GLN A 187 -18.62 -10.69 -26.28
N LEU A 188 -17.75 -10.36 -25.32
CA LEU A 188 -16.79 -11.33 -24.74
C LEU A 188 -17.54 -12.37 -23.90
N LEU A 189 -18.72 -12.09 -23.34
CA LEU A 189 -19.45 -13.05 -22.50
C LEU A 189 -20.43 -13.94 -23.33
N SER A 190 -20.69 -13.55 -24.60
CA SER A 190 -21.73 -14.22 -25.42
C SER A 190 -21.44 -15.71 -25.65
N ARG A 191 -20.17 -16.14 -25.56
CA ARG A 191 -19.77 -17.57 -25.78
C ARG A 191 -20.21 -18.49 -24.64
N PHE A 192 -20.59 -17.99 -23.44
CA PHE A 192 -20.88 -18.85 -22.28
C PHE A 192 -22.33 -19.35 -22.30
N ASN A 193 -22.51 -20.56 -21.81
CA ASN A 193 -23.85 -21.10 -21.57
C ASN A 193 -24.17 -20.81 -20.09
N PHE A 194 -24.83 -19.72 -19.81
CA PHE A 194 -25.26 -19.36 -18.41
C PHE A 194 -26.46 -20.21 -17.96
N ILE A 195 -26.35 -20.76 -16.75
CA ILE A 195 -27.46 -21.48 -16.01
C ILE A 195 -28.03 -20.50 -14.95
N TYR A 196 -29.34 -20.24 -14.95
CA TYR A 196 -29.97 -19.23 -14.08
C TYR A 196 -30.54 -19.98 -12.89
N ASN A 197 -29.82 -20.05 -11.77
CA ASN A 197 -30.22 -20.86 -10.57
C ASN A 197 -31.15 -20.00 -9.70
N SER B 1 27.49 -11.30 -6.66
CA SER B 1 28.22 -11.57 -5.37
C SER B 1 28.67 -10.30 -4.64
N MET B 2 28.18 -9.11 -5.05
CA MET B 2 28.00 -8.00 -4.09
C MET B 2 26.50 -7.71 -4.05
N LEU B 3 25.81 -8.29 -3.03
CA LEU B 3 24.34 -8.11 -2.82
C LEU B 3 24.01 -7.01 -1.81
N GLU B 4 24.97 -6.37 -1.12
CA GLU B 4 24.64 -5.32 -0.11
C GLU B 4 24.47 -3.89 -0.73
N ARG B 5 23.53 -3.14 -0.22
CA ARG B 5 23.33 -1.75 -0.56
C ARG B 5 24.42 -0.88 0.09
N THR B 6 24.95 0.13 -0.60
CA THR B 6 26.00 1.03 -0.09
C THR B 6 25.40 2.34 0.42
N ILE B 7 25.75 2.71 1.66
CA ILE B 7 25.19 3.92 2.31
C ILE B 7 26.35 4.81 2.83
N ASN B 8 26.36 6.08 2.40
CA ASN B 8 27.34 7.07 2.90
C ASN B 8 26.93 7.49 4.34
N LEU B 9 27.89 7.44 5.24
CA LEU B 9 27.76 8.07 6.61
C LEU B 9 28.72 9.26 6.69
N TYR B 10 28.42 10.23 7.52
CA TYR B 10 29.30 11.38 7.77
C TYR B 10 29.47 11.56 9.27
N PRO B 11 30.54 12.25 9.69
CA PRO B 11 30.71 12.56 11.09
C PRO B 11 29.60 13.34 11.75
N LEU B 12 29.35 13.01 13.02
CA LEU B 12 28.37 13.69 13.84
C LEU B 12 28.64 15.21 13.86
N THR B 13 29.91 15.61 13.86
CA THR B 13 30.27 17.05 13.92
C THR B 13 30.07 17.74 12.56
N ASN B 14 29.69 17.03 11.49
CA ASN B 14 29.18 17.69 10.24
C ASN B 14 27.79 18.29 10.45
N TYR B 15 27.06 17.90 11.51
CA TYR B 15 25.65 18.33 11.69
C TYR B 15 25.55 19.42 12.78
N THR B 16 24.62 20.34 12.61
CA THR B 16 24.32 21.43 13.56
C THR B 16 22.97 21.13 14.19
N PHE B 17 22.89 21.14 15.51
CA PHE B 17 21.68 20.79 16.30
C PHE B 17 21.09 22.05 16.93
N GLY B 18 20.16 22.70 16.27
CA GLY B 18 19.51 23.94 16.74
C GLY B 18 18.28 23.60 17.60
N THR B 19 17.57 24.61 18.08
CA THR B 19 16.38 24.38 18.93
C THR B 19 15.23 25.18 18.37
N LYS B 20 14.00 24.67 18.55
CA LYS B 20 12.71 25.38 18.28
C LYS B 20 11.69 25.14 19.39
N GLU B 21 10.43 25.57 19.14
CA GLU B 21 9.29 25.50 20.09
C GLU B 21 8.99 24.06 20.48
N PRO B 22 8.54 23.80 21.71
CA PRO B 22 8.20 22.44 22.14
C PRO B 22 7.10 21.85 21.23
N LEU B 23 7.17 20.52 21.11
CA LEU B 23 6.25 19.64 20.33
C LEU B 23 5.69 18.67 21.37
N TYR B 24 4.37 18.74 21.59
CA TYR B 24 3.66 17.92 22.62
C TYR B 24 3.03 16.72 21.88
N GLU B 25 2.94 15.58 22.54
CA GLU B 25 2.26 14.37 22.02
C GLU B 25 0.75 14.65 21.99
N LYS B 26 0.02 14.29 20.91
CA LYS B 26 -1.42 14.57 20.68
C LYS B 26 -2.30 13.84 21.73
N ASP B 27 -1.79 12.77 22.37
CA ASP B 27 -2.48 11.99 23.43
C ASP B 27 -1.86 12.32 24.79
N SER B 28 -2.71 12.40 25.83
CA SER B 28 -2.40 12.85 27.22
C SER B 28 -1.97 11.70 28.15
N SER B 29 -2.33 10.44 27.83
CA SER B 29 -2.19 9.28 28.75
C SER B 29 -2.21 7.97 27.93
N VAL B 30 -1.56 6.91 28.43
CA VAL B 30 -1.65 5.50 27.90
C VAL B 30 -3.12 5.19 27.61
N ALA B 31 -4.03 5.65 28.48
CA ALA B 31 -5.50 5.45 28.41
C ALA B 31 -6.07 6.18 27.17
N ALA B 32 -5.85 7.48 27.06
CA ALA B 32 -6.27 8.34 25.93
C ALA B 32 -5.68 7.83 24.61
N ARG B 33 -4.50 7.21 24.66
CA ARG B 33 -3.81 6.60 23.49
C ARG B 33 -4.70 5.49 22.92
N PHE B 34 -4.99 4.47 23.74
CA PHE B 34 -5.73 3.25 23.29
C PHE B 34 -7.18 3.67 23.00
N GLN B 35 -7.75 4.61 23.77
CA GLN B 35 -9.11 5.17 23.50
C GLN B 35 -9.17 5.77 22.10
N ARG B 36 -8.20 6.64 21.73
CA ARG B 36 -8.18 7.33 20.41
C ARG B 36 -7.90 6.30 19.31
N MET B 37 -7.04 5.32 19.59
CA MET B 37 -6.77 4.24 18.61
C MET B 37 -8.11 3.57 18.26
N ARG B 38 -8.98 3.35 19.27
CA ARG B 38 -10.30 2.64 19.14
C ARG B 38 -11.26 3.46 18.27
N GLU B 39 -11.45 4.76 18.55
CA GLU B 39 -12.35 5.65 17.78
C GLU B 39 -11.91 5.72 16.32
N GLU B 40 -10.61 5.91 16.07
CA GLU B 40 -10.11 6.08 14.70
C GLU B 40 -10.28 4.75 13.96
N PHE B 41 -9.98 3.64 14.63
CA PHE B 41 -10.08 2.30 14.00
C PHE B 41 -11.48 2.16 13.39
N ASP B 42 -12.52 2.65 14.08
CA ASP B 42 -13.95 2.59 13.68
C ASP B 42 -14.22 3.43 12.43
N LYS B 43 -13.55 4.58 12.25
CA LYS B 43 -13.72 5.46 11.06
C LYS B 43 -12.84 4.99 9.88
N ILE B 44 -11.50 4.92 9.99
CA ILE B 44 -10.61 4.74 8.79
C ILE B 44 -9.82 3.44 8.88
N GLY B 45 -10.02 2.62 9.89
CA GLY B 45 -9.39 1.29 9.92
C GLY B 45 -7.98 1.41 10.49
N MET B 46 -7.11 0.50 10.09
CA MET B 46 -5.77 0.30 10.69
C MET B 46 -5.03 1.65 10.81
N ARG B 47 -4.43 1.96 11.94
CA ARG B 47 -3.50 3.10 12.07
C ARG B 47 -2.25 2.75 11.24
N ARG B 48 -1.74 3.71 10.48
CA ARG B 48 -0.53 3.53 9.65
C ARG B 48 0.53 4.53 10.15
N THR B 49 1.62 4.03 10.73
N THR B 49 1.62 4.00 10.71
CA THR B 49 2.75 4.87 11.20
CA THR B 49 2.76 4.75 11.30
C THR B 49 3.99 4.56 10.39
C THR B 49 4.00 4.54 10.43
N VAL B 50 4.85 5.57 10.32
CA VAL B 50 6.14 5.48 9.63
C VAL B 50 7.21 6.08 10.58
N GLU B 51 8.37 5.49 10.57
CA GLU B 51 9.52 5.99 11.36
C GLU B 51 10.81 5.99 10.54
N GLY B 52 11.67 7.00 10.79
CA GLY B 52 12.94 7.13 10.05
C GLY B 52 14.17 6.80 10.88
N VAL B 53 15.10 6.08 10.30
CA VAL B 53 16.39 5.71 10.96
C VAL B 53 17.48 6.56 10.26
N LEU B 54 18.05 7.50 11.02
CA LEU B 54 19.09 8.46 10.58
C LEU B 54 20.39 8.03 11.20
N ILE B 55 21.43 7.84 10.40
CA ILE B 55 22.71 7.24 10.85
C ILE B 55 23.87 8.22 10.58
N VAL B 56 24.72 8.37 11.60
CA VAL B 56 25.98 9.18 11.54
C VAL B 56 27.13 8.27 11.94
N HIS B 57 28.37 8.75 11.90
CA HIS B 57 29.45 7.97 12.55
C HIS B 57 30.27 8.85 13.48
N GLU B 58 30.88 8.23 14.49
N GLU B 58 30.94 8.17 14.42
CA GLU B 58 31.97 8.88 15.26
CA GLU B 58 32.14 8.68 15.15
C GLU B 58 32.94 7.76 15.64
C GLU B 58 33.19 7.58 15.15
N HIS B 59 34.17 7.81 15.09
N HIS B 59 34.47 7.95 15.00
CA HIS B 59 35.24 6.77 15.19
CA HIS B 59 35.58 6.96 14.96
C HIS B 59 35.07 5.69 14.13
C HIS B 59 35.16 5.77 14.10
N ARG B 60 34.45 6.04 13.00
CA ARG B 60 34.03 5.01 12.03
C ARG B 60 33.16 3.96 12.74
N LEU B 61 32.37 4.32 13.76
CA LEU B 61 31.32 3.43 14.38
C LEU B 61 29.94 4.05 14.11
N PRO B 62 28.98 3.28 13.57
CA PRO B 62 27.66 3.84 13.26
C PRO B 62 26.88 4.14 14.55
N HIS B 63 26.19 5.26 14.54
CA HIS B 63 25.31 5.73 15.61
C HIS B 63 23.94 6.09 15.06
N VAL B 64 22.87 5.70 15.71
CA VAL B 64 21.48 6.07 15.34
C VAL B 64 21.03 7.32 16.05
N LEU B 65 20.41 8.27 15.36
CA LEU B 65 19.85 9.49 15.99
C LEU B 65 18.52 9.15 16.66
N LEU B 66 18.42 9.31 17.99
CA LEU B 66 17.18 9.08 18.75
C LEU B 66 16.68 10.39 19.38
N LEU B 67 15.37 10.57 19.53
CA LEU B 67 14.77 11.67 20.31
C LEU B 67 14.56 11.17 21.76
N GLN B 68 15.15 11.89 22.71
CA GLN B 68 15.06 11.56 24.16
C GLN B 68 14.04 12.52 24.85
N LEU B 69 13.14 11.94 25.62
CA LEU B 69 12.19 12.65 26.51
C LEU B 69 12.56 12.28 27.95
N GLY B 70 12.96 13.26 28.77
CA GLY B 70 13.35 12.98 30.18
C GLY B 70 14.66 12.22 30.24
N THR B 71 14.75 11.20 31.10
CA THR B 71 15.99 10.41 31.34
C THR B 71 15.96 9.09 30.55
N THR B 72 14.77 8.53 30.37
CA THR B 72 14.52 7.07 30.19
C THR B 72 13.68 6.77 28.91
N PHE B 73 13.07 7.75 28.22
CA PHE B 73 12.12 7.57 27.09
C PHE B 73 12.82 7.97 25.78
N PHE B 74 12.94 7.01 24.86
CA PHE B 74 13.59 7.17 23.51
C PHE B 74 12.60 6.83 22.41
N LYS B 75 12.56 7.65 21.35
CA LYS B 75 11.72 7.42 20.15
C LYS B 75 12.46 7.77 18.86
N LEU B 76 12.10 7.05 17.76
CA LEU B 76 12.49 7.48 16.42
C LEU B 76 11.61 8.64 15.94
N PRO B 77 12.15 9.52 15.12
CA PRO B 77 11.34 10.52 14.42
C PRO B 77 10.32 9.84 13.49
N GLY B 78 9.07 10.30 13.50
CA GLY B 78 8.01 9.71 12.70
C GLY B 78 6.64 10.04 13.27
N GLY B 79 5.64 9.27 12.89
CA GLY B 79 4.27 9.62 13.26
C GLY B 79 3.21 8.91 12.42
N GLU B 80 1.99 9.45 12.46
CA GLU B 80 0.81 8.84 11.83
C GLU B 80 0.64 9.42 10.41
N LEU B 81 0.36 8.56 9.43
CA LEU B 81 -0.01 9.00 8.06
C LEU B 81 -1.48 9.49 8.01
N ASN B 82 -1.72 10.52 7.18
CA ASN B 82 -3.07 11.05 6.84
C ASN B 82 -3.79 10.01 5.99
N PRO B 83 -5.14 10.00 5.97
CA PRO B 83 -5.91 9.13 5.08
C PRO B 83 -5.46 9.14 3.62
N GLY B 84 -5.05 7.99 3.10
CA GLY B 84 -4.57 7.78 1.71
C GLY B 84 -3.21 8.40 1.38
N GLU B 85 -2.47 8.87 2.39
CA GLU B 85 -1.13 9.46 2.13
C GLU B 85 -0.07 8.37 1.79
N ASP B 86 0.78 8.63 0.80
CA ASP B 86 1.92 7.76 0.46
C ASP B 86 2.91 7.66 1.64
N GLU B 87 3.34 6.44 1.95
CA GLU B 87 4.20 6.20 3.15
C GLU B 87 5.48 7.03 3.08
N VAL B 88 6.21 6.98 1.97
CA VAL B 88 7.49 7.75 1.82
C VAL B 88 7.21 9.27 1.87
N GLU B 89 6.20 9.77 1.14
CA GLU B 89 5.94 11.24 1.17
C GLU B 89 5.50 11.66 2.58
N GLY B 90 4.76 10.80 3.28
CA GLY B 90 4.29 11.04 4.65
C GLY B 90 5.46 11.08 5.65
N LEU B 91 6.37 10.10 5.56
CA LEU B 91 7.63 10.22 6.38
C LEU B 91 8.38 11.55 6.13
N LYS B 92 8.59 11.99 4.89
CA LYS B 92 9.25 13.29 4.58
C LYS B 92 8.51 14.44 5.26
N ARG B 93 7.16 14.48 5.18
CA ARG B 93 6.37 15.52 5.89
C ARG B 93 6.70 15.51 7.39
N LEU B 94 6.62 14.33 8.00
CA LEU B 94 6.77 14.16 9.46
C LEU B 94 8.19 14.59 9.90
N MET B 95 9.23 14.19 9.15
N MET B 95 9.22 14.25 9.11
CA MET B 95 10.63 14.57 9.48
CA MET B 95 10.63 14.54 9.45
C MET B 95 10.76 16.09 9.51
C MET B 95 10.91 16.04 9.38
N THR B 96 10.20 16.77 8.50
CA THR B 96 10.29 18.24 8.35
C THR B 96 9.52 18.86 9.51
N GLU B 97 8.33 18.31 9.85
CA GLU B 97 7.58 18.76 11.07
C GLU B 97 8.43 18.69 12.33
N ILE B 98 9.15 17.61 12.56
CA ILE B 98 9.89 17.38 13.85
C ILE B 98 11.27 18.08 13.82
N LEU B 99 12.03 17.99 12.75
CA LEU B 99 13.47 18.42 12.74
C LEU B 99 13.77 19.54 11.75
N GLY B 100 12.82 19.96 10.95
CA GLY B 100 13.05 20.99 9.92
C GLY B 100 12.93 22.41 10.46
N ARG B 101 13.73 23.30 9.86
CA ARG B 101 13.98 24.68 10.35
C ARG B 101 12.75 25.53 10.02
N GLN B 102 12.46 26.52 10.86
CA GLN B 102 11.41 27.55 10.66
C GLN B 102 12.10 28.92 10.50
N ASP B 103 12.34 29.35 9.26
CA ASP B 103 12.20 28.55 8.06
C ASP B 103 13.45 28.77 7.21
N GLY B 104 13.81 27.84 6.31
CA GLY B 104 13.01 26.68 5.93
C GLY B 104 13.27 26.29 4.48
N VAL B 105 14.32 25.46 4.24
CA VAL B 105 15.10 25.31 2.97
C VAL B 105 14.23 24.98 1.74
N LEU B 106 13.58 23.81 1.66
CA LEU B 106 13.42 22.83 2.74
C LEU B 106 14.48 21.73 2.62
N GLN B 107 14.51 20.84 3.61
CA GLN B 107 15.36 19.62 3.65
C GLN B 107 14.80 18.62 2.62
N ASP B 108 15.62 18.19 1.66
CA ASP B 108 15.27 17.07 0.77
C ASP B 108 15.79 15.80 1.45
N TRP B 109 14.88 15.04 2.06
CA TRP B 109 15.21 13.72 2.67
C TRP B 109 15.33 12.69 1.53
N VAL B 110 16.32 11.82 1.57
CA VAL B 110 16.47 10.70 0.60
C VAL B 110 16.07 9.42 1.33
N ILE B 111 15.01 8.74 0.84
CA ILE B 111 14.44 7.50 1.43
C ILE B 111 14.25 6.45 0.33
N ASP B 112 15.12 5.44 0.25
CA ASP B 112 15.11 4.35 -0.75
C ASP B 112 15.15 2.92 -0.17
N ASP B 113 15.13 2.72 1.17
CA ASP B 113 15.26 1.37 1.75
C ASP B 113 14.19 1.16 2.84
N CYS B 114 13.42 0.09 2.75
CA CYS B 114 12.60 -0.45 3.89
C CYS B 114 13.56 -1.21 4.83
N ILE B 115 13.57 -0.92 6.15
CA ILE B 115 14.36 -1.61 7.21
C ILE B 115 13.50 -2.77 7.77
N GLY B 116 12.15 -2.57 7.98
CA GLY B 116 11.32 -3.56 8.69
C GLY B 116 9.90 -3.11 8.85
N ASN B 117 9.05 -4.02 9.40
CA ASN B 117 7.61 -3.81 9.61
C ASN B 117 7.22 -4.40 10.97
N TRP B 118 6.42 -3.67 11.71
CA TRP B 118 5.84 -4.18 13.02
C TRP B 118 4.32 -3.98 12.98
N TRP B 119 3.64 -4.94 13.61
CA TRP B 119 2.15 -4.97 13.69
C TRP B 119 1.67 -5.14 15.15
N ARG B 120 0.60 -4.42 15.44
CA ARG B 120 -0.05 -4.42 16.79
C ARG B 120 -1.40 -5.14 16.68
N PRO B 121 -1.51 -6.37 17.25
CA PRO B 121 -2.72 -7.16 17.03
C PRO B 121 -3.96 -6.62 17.75
N ASN B 122 -3.75 -6.03 18.93
CA ASN B 122 -4.82 -5.59 19.87
C ASN B 122 -4.66 -4.11 20.25
N PHE B 123 -5.61 -3.52 20.98
CA PHE B 123 -5.48 -2.15 21.53
C PHE B 123 -4.73 -2.27 22.86
N GLU B 124 -3.47 -2.74 22.82
CA GLU B 124 -2.57 -3.11 23.93
C GLU B 124 -1.14 -2.81 23.46
N PRO B 125 -0.17 -2.66 24.39
CA PRO B 125 1.22 -2.34 24.04
C PRO B 125 1.89 -3.30 23.05
N PRO B 126 1.72 -4.63 23.13
CA PRO B 126 2.56 -5.57 22.35
C PRO B 126 2.50 -5.34 20.81
N GLN B 127 3.72 -5.30 20.26
CA GLN B 127 3.96 -5.25 18.77
C GLN B 127 4.87 -6.41 18.36
N TYR B 128 4.71 -6.93 17.13
CA TYR B 128 5.46 -8.06 16.64
C TYR B 128 5.98 -7.83 15.20
N PRO B 129 7.14 -8.44 14.87
CA PRO B 129 7.70 -8.19 13.51
C PRO B 129 7.13 -9.14 12.45
N TYR B 130 5.84 -9.47 12.52
CA TYR B 130 5.11 -10.45 11.70
C TYR B 130 3.63 -10.23 12.04
N ILE B 131 2.72 -10.64 11.16
CA ILE B 131 1.26 -10.65 11.43
C ILE B 131 0.94 -11.93 12.20
N PRO B 132 0.51 -11.90 13.50
CA PRO B 132 0.32 -13.16 14.22
C PRO B 132 -0.80 -14.06 13.64
N ALA B 133 -0.68 -15.34 13.85
CA ALA B 133 -1.70 -16.36 13.46
C ALA B 133 -3.09 -15.83 13.80
N HIS B 134 -4.02 -15.94 12.86
CA HIS B 134 -5.49 -15.67 13.02
C HIS B 134 -5.78 -14.21 13.34
N ILE B 135 -4.81 -13.30 13.22
CA ILE B 135 -5.14 -11.84 13.35
C ILE B 135 -5.46 -11.33 11.94
N THR B 136 -6.73 -11.07 11.67
CA THR B 136 -7.16 -10.65 10.32
C THR B 136 -7.22 -9.13 10.28
N LYS B 137 -7.53 -8.47 11.41
CA LYS B 137 -7.66 -7.01 11.48
C LYS B 137 -6.60 -6.40 12.40
N PRO B 138 -5.28 -6.35 12.11
CA PRO B 138 -4.37 -5.67 13.08
C PRO B 138 -4.78 -4.20 13.31
N LYS B 139 -4.52 -3.66 14.50
CA LYS B 139 -4.94 -2.30 14.86
C LYS B 139 -3.93 -1.20 14.37
N GLU B 140 -2.67 -1.57 14.20
CA GLU B 140 -1.61 -0.62 13.74
C GLU B 140 -0.61 -1.42 12.88
N HIS B 141 -0.15 -0.79 11.80
CA HIS B 141 1.04 -1.23 11.03
C HIS B 141 2.09 -0.11 11.00
N LYS B 142 3.30 -0.41 11.51
CA LYS B 142 4.43 0.55 11.56
C LYS B 142 5.48 0.11 10.55
N LYS B 143 5.90 1.03 9.70
CA LYS B 143 6.97 0.81 8.69
C LYS B 143 8.22 1.62 9.04
N LEU B 144 9.38 0.97 8.99
CA LEU B 144 10.68 1.63 9.29
C LEU B 144 11.44 1.79 7.95
N PHE B 145 12.03 2.95 7.79
CA PHE B 145 12.84 3.31 6.61
C PHE B 145 14.21 3.85 7.01
N LEU B 146 15.24 3.54 6.21
CA LEU B 146 16.58 4.18 6.34
C LEU B 146 16.60 5.52 5.60
N VAL B 147 16.87 6.60 6.30
CA VAL B 147 16.89 8.01 5.76
C VAL B 147 18.36 8.40 5.55
N GLN B 148 18.81 8.48 4.28
CA GLN B 148 20.19 8.87 3.90
C GLN B 148 20.37 10.37 4.08
N LEU B 149 21.37 10.80 4.87
CA LEU B 149 21.61 12.23 5.12
C LEU B 149 22.59 12.82 4.10
N GLN B 150 22.45 14.12 3.94
CA GLN B 150 23.43 14.90 3.15
C GLN B 150 24.73 14.99 3.94
N GLU B 151 25.83 15.28 3.26
CA GLU B 151 27.14 15.51 3.94
C GLU B 151 27.03 16.48 5.13
N LYS B 152 26.28 17.61 5.04
CA LYS B 152 26.04 18.62 6.11
C LYS B 152 24.58 18.95 6.17
N ALA B 153 24.05 19.12 7.39
CA ALA B 153 22.68 19.60 7.60
C ALA B 153 22.54 20.32 8.95
N LEU B 154 21.52 21.19 9.03
CA LEU B 154 21.03 21.86 10.27
C LEU B 154 19.71 21.20 10.68
N PHE B 155 19.64 20.62 11.88
CA PHE B 155 18.38 20.11 12.47
C PHE B 155 17.89 21.12 13.50
N ALA B 156 16.57 21.39 13.52
CA ALA B 156 15.89 22.24 14.53
C ALA B 156 15.15 21.31 15.49
N VAL B 157 15.64 21.10 16.72
CA VAL B 157 15.11 20.09 17.66
C VAL B 157 14.11 20.77 18.59
N PRO B 158 12.85 20.26 18.74
CA PRO B 158 11.90 20.81 19.70
C PRO B 158 12.52 20.83 21.11
N LYS B 159 12.31 21.97 21.79
CA LYS B 159 12.99 22.32 23.07
C LYS B 159 12.80 21.25 24.16
N ASN B 160 11.69 20.49 24.11
CA ASN B 160 11.34 19.49 25.17
C ASN B 160 12.03 18.16 24.86
N TYR B 161 12.68 18.06 23.71
CA TYR B 161 13.47 16.86 23.35
C TYR B 161 14.95 17.18 23.29
N LYS B 162 15.81 16.15 23.45
CA LYS B 162 17.24 16.12 23.07
C LYS B 162 17.43 15.11 21.90
N LEU B 163 18.17 15.49 20.85
CA LEU B 163 18.66 14.53 19.85
C LEU B 163 19.94 13.89 20.37
N VAL B 164 20.02 12.56 20.45
CA VAL B 164 21.21 11.80 20.92
C VAL B 164 21.69 10.86 19.82
N ALA B 165 22.98 10.71 19.72
CA ALA B 165 23.62 9.78 18.76
C ALA B 165 23.98 8.51 19.54
N ALA B 166 23.22 7.44 19.39
CA ALA B 166 23.38 6.20 20.15
C ALA B 166 24.18 5.19 19.38
N PRO B 167 25.33 4.70 19.87
CA PRO B 167 26.07 3.67 19.15
C PRO B 167 25.34 2.32 19.13
N LEU B 168 25.63 1.48 18.10
CA LEU B 168 24.92 0.16 17.94
C LEU B 168 25.15 -0.76 19.13
N PHE B 169 26.35 -0.74 19.76
CA PHE B 169 26.63 -1.63 20.91
C PHE B 169 25.69 -1.29 22.07
N GLU B 170 25.22 -0.05 22.27
CA GLU B 170 24.38 0.33 23.41
C GLU B 170 22.98 -0.21 23.15
N LEU B 171 22.51 -0.17 21.90
CA LEU B 171 21.14 -0.59 21.59
C LEU B 171 21.05 -2.11 21.69
N TYR B 172 22.06 -2.85 21.25
CA TYR B 172 22.06 -4.33 21.25
C TYR B 172 22.06 -4.88 22.72
N ASP B 173 21.54 -6.08 22.75
CA ASP B 173 20.28 -6.60 23.31
C ASP B 173 20.00 -5.93 24.67
N ASN B 174 19.29 -4.83 24.52
CA ASN B 174 18.95 -3.84 25.56
C ASN B 174 17.51 -3.40 25.27
N ALA B 175 16.65 -4.41 25.15
CA ALA B 175 15.20 -4.20 25.07
C ALA B 175 14.74 -3.50 26.35
N PRO B 176 15.31 -3.84 27.54
CA PRO B 176 14.84 -3.23 28.77
C PRO B 176 14.99 -1.71 28.58
N GLY B 177 16.14 -1.28 28.07
CA GLY B 177 16.39 0.15 27.95
C GLY B 177 15.65 0.84 26.81
N TYR B 178 15.51 0.16 25.66
CA TYR B 178 15.12 0.81 24.38
C TYR B 178 13.83 0.22 23.80
N GLY B 179 13.39 -0.94 24.30
CA GLY B 179 12.18 -1.59 23.74
C GLY B 179 12.54 -2.45 22.54
N PRO B 180 11.65 -3.35 22.06
CA PRO B 180 12.00 -4.30 21.02
C PRO B 180 12.30 -3.78 19.59
N ILE B 181 11.74 -2.64 19.24
CA ILE B 181 11.96 -2.04 17.89
C ILE B 181 13.36 -1.39 17.83
N ILE B 182 13.65 -0.47 18.76
CA ILE B 182 14.92 0.28 18.68
C ILE B 182 16.05 -0.71 19.00
N SER B 183 15.89 -1.68 19.94
CA SER B 183 17.00 -2.60 20.28
C SER B 183 17.37 -3.63 19.19
N SER B 184 16.49 -3.86 18.16
CA SER B 184 16.80 -4.76 17.05
C SER B 184 17.35 -3.99 15.82
N LEU B 185 17.52 -2.65 15.94
CA LEU B 185 18.13 -1.89 14.82
C LEU B 185 19.52 -2.37 14.44
N PRO B 186 20.43 -2.79 15.37
CA PRO B 186 21.73 -3.34 14.97
C PRO B 186 21.57 -4.49 13.97
N GLN B 187 20.76 -5.50 14.30
CA GLN B 187 20.48 -6.63 13.40
C GLN B 187 19.98 -6.11 12.03
N LEU B 188 19.01 -5.22 12.01
CA LEU B 188 18.30 -4.71 10.80
C LEU B 188 19.27 -3.84 9.96
N LEU B 189 20.31 -3.25 10.54
CA LEU B 189 21.29 -2.42 9.77
C LEU B 189 22.50 -3.25 9.35
N SER B 190 22.70 -4.49 9.82
CA SER B 190 23.92 -5.28 9.57
C SER B 190 24.12 -5.60 8.08
N ARG B 191 23.05 -5.64 7.29
CA ARG B 191 23.14 -5.97 5.83
C ARG B 191 23.84 -4.81 5.06
N PHE B 192 23.89 -3.60 5.58
CA PHE B 192 24.35 -2.41 4.77
C PHE B 192 25.88 -2.35 4.72
N ASN B 193 26.37 -1.93 3.54
CA ASN B 193 27.79 -1.59 3.34
C ASN B 193 27.99 -0.11 3.66
N PHE B 194 28.33 0.25 4.90
CA PHE B 194 28.54 1.64 5.33
C PHE B 194 29.90 2.20 4.82
N ILE B 195 29.84 3.38 4.23
CA ILE B 195 31.06 4.19 3.87
C ILE B 195 31.28 5.23 4.93
N TYR B 196 32.49 5.36 5.49
CA TYR B 196 32.81 6.32 6.59
C TYR B 196 33.54 7.51 5.97
N ASN B 197 32.82 8.59 5.75
CA ASN B 197 33.34 9.81 5.11
C ASN B 197 33.99 10.70 6.18
#